data_3BDP
#
_entry.id   3BDP
#
_cell.length_a   87.063
_cell.length_b   93.547
_cell.length_c   106.252
_cell.angle_alpha   90.00
_cell.angle_beta   90.00
_cell.angle_gamma   90.00
#
_symmetry.space_group_name_H-M   'P 21 21 21'
#
loop_
_entity.id
_entity.type
_entity.pdbx_description
1 polymer "DNA (5'-D(*GP*CP*AP*TP*GP*AP*TP*GP*CP*2DT)-3')"
2 polymer "DNA (5'-D(*AP*GP*CP*AP*TP*CP*AP*TP*GP*C)-3')"
3 polymer 'PROTEIN (DNA POLYMERASE I)'
4 non-polymer 'SULFATE ION'
5 water water
#
loop_
_entity_poly.entity_id
_entity_poly.type
_entity_poly.pdbx_seq_one_letter_code
_entity_poly.pdbx_strand_id
1 'polydeoxyribonucleotide' (DG)(DC)(DA)(DT)(DG)(DA)(DT)(DG)(DC)(2DT) P
2 'polydeoxyribonucleotide' (DA)(DG)(DC)(DA)(DT)(DC)(DA)(DT)(DG)(DC) T
3 'polypeptide(L)'
;AAMAFTLADRVTEEMLADKAALVVEVVEENYHDAPIVGIAVVNEHGRFFLRPETALADPQFVAWLGDETKKKSMFDSKRA
AVALKWKGIELCGVSFDLLLAAYLLDPAQGVDDVRAAAKMKQYEAVRPDEAVYGKGAKRAVPDEPVLAEHLVRKAAAIWE
LERPFLDELRRNEQDRLLVELEQPLSSILAEMEFAGVKVDTKRLEQMGKELAEQLGTVEQRIYELAGQEFNINSPKQLGV
ILFEKLQLPVLKKTKTGYSTSADVLEKLAPYHEIVENILHYRQLGKLQSTYIEGLLKVVRPDTKKVHTIFNQALTQTGRL
SSTEPNLQNIPIRLEEGRKIRQAFVPSESDWLIFAADYSQIELRVLAHIAEDDNLMEAFRRDLDIHTKTAMDIFQVSEDE
VTPNMRRQAKAVNFGIVYGISDYGLAQNLNISRKEAAEFIERYFESFPGVKRYMENIVQEAKQKGYVTTLLHRRRYLPDI
TSRNFNVRSFAERMAMNTPIQGSAADIIKKAMIDLNARLKEERLQAHLLLQVHDELILEAPKEEMERLCRLVPEVMEQAV
TLRVPLKVDYHYGSTWYDAK
;
A
#
# COMPACT_ATOMS: atom_id res chain seq x y z
N ALA C 1 33.03 -17.53 14.09
CA ALA C 1 32.78 -18.51 15.19
C ALA C 1 31.32 -19.02 15.23
N ALA C 2 31.12 -20.21 14.64
CA ALA C 2 29.81 -20.87 14.56
C ALA C 2 29.04 -20.78 15.88
N MET C 3 27.73 -20.82 15.76
CA MET C 3 26.84 -20.74 16.92
C MET C 3 26.32 -22.13 17.26
N ALA C 4 26.26 -22.42 18.55
CA ALA C 4 25.80 -23.72 19.00
C ALA C 4 24.27 -23.88 18.92
N PHE C 5 23.86 -25.08 18.51
CA PHE C 5 22.45 -25.42 18.43
C PHE C 5 22.28 -26.93 18.20
N THR C 6 21.13 -27.47 18.60
CA THR C 6 20.85 -28.87 18.38
C THR C 6 20.18 -29.04 17.02
N LEU C 7 20.72 -29.91 16.18
CA LEU C 7 20.08 -30.15 14.90
C LEU C 7 19.15 -31.33 15.17
N ALA C 8 17.95 -31.04 15.69
CA ALA C 8 16.97 -32.08 16.04
C ALA C 8 16.43 -32.99 14.92
N ASP C 9 16.23 -34.25 15.27
CA ASP C 9 15.70 -35.28 14.37
C ASP C 9 14.24 -35.52 14.76
N ARG C 10 13.89 -35.07 15.96
CA ARG C 10 12.54 -35.18 16.49
C ARG C 10 12.24 -34.03 17.48
N VAL C 11 10.99 -33.60 17.55
CA VAL C 11 10.55 -32.53 18.44
C VAL C 11 10.57 -32.98 19.90
N THR C 12 11.06 -32.13 20.79
CA THR C 12 11.08 -32.48 22.21
C THR C 12 10.33 -31.44 23.00
N GLU C 13 9.93 -31.84 24.20
CA GLU C 13 9.20 -30.95 25.08
C GLU C 13 9.96 -29.65 25.28
N GLU C 14 11.29 -29.75 25.29
CA GLU C 14 12.18 -28.61 25.49
C GLU C 14 11.95 -27.53 24.44
N MET C 15 11.57 -27.96 23.26
CA MET C 15 11.32 -27.07 22.15
C MET C 15 9.94 -26.45 22.17
N LEU C 16 9.13 -26.83 23.16
CA LEU C 16 7.75 -26.30 23.25
C LEU C 16 7.50 -25.40 24.46
N ALA C 17 8.47 -24.55 24.77
CA ALA C 17 8.38 -23.65 25.90
C ALA C 17 7.41 -22.51 25.70
N ASP C 18 7.08 -21.89 26.82
CA ASP C 18 6.18 -20.75 26.95
C ASP C 18 6.53 -19.52 26.12
N LYS C 19 7.79 -19.39 25.75
CA LYS C 19 8.25 -18.23 24.99
C LYS C 19 9.46 -18.63 24.20
N ALA C 20 9.45 -18.25 22.93
CA ALA C 20 10.55 -18.59 22.08
C ALA C 20 10.63 -17.65 20.88
N ALA C 21 11.82 -17.60 20.27
CA ALA C 21 12.03 -16.86 19.05
C ALA C 21 11.78 -18.00 18.05
N LEU C 22 10.90 -17.77 17.07
CA LEU C 22 10.59 -18.82 16.09
C LEU C 22 10.85 -18.39 14.67
N VAL C 23 11.47 -19.28 13.90
CA VAL C 23 11.76 -19.02 12.50
C VAL C 23 11.12 -20.14 11.70
N VAL C 24 10.20 -19.77 10.81
CA VAL C 24 9.55 -20.72 9.92
C VAL C 24 9.91 -20.21 8.52
N GLU C 25 11.03 -20.68 7.99
CA GLU C 25 11.54 -20.20 6.72
C GLU C 25 10.89 -20.54 5.40
N VAL C 26 10.40 -19.50 4.71
CA VAL C 26 9.79 -19.61 3.40
C VAL C 26 10.69 -18.69 2.58
N VAL C 27 11.50 -19.30 1.73
CA VAL C 27 12.45 -18.56 0.92
C VAL C 27 11.91 -17.94 -0.36
N GLU C 28 10.88 -18.54 -0.97
CA GLU C 28 10.27 -17.94 -2.18
C GLU C 28 9.68 -16.58 -1.81
N GLU C 29 9.90 -15.56 -2.64
CA GLU C 29 9.39 -14.22 -2.32
C GLU C 29 7.88 -14.30 -2.16
N ASN C 30 7.22 -14.96 -3.10
CA ASN C 30 5.78 -15.13 -2.99
C ASN C 30 5.61 -16.39 -2.14
N TYR C 31 5.17 -16.19 -0.89
CA TYR C 31 4.98 -17.29 0.05
C TYR C 31 3.67 -18.10 -0.08
N HIS C 32 2.83 -17.76 -1.06
CA HIS C 32 1.55 -18.44 -1.22
C HIS C 32 1.74 -19.87 -1.70
N ASP C 33 1.32 -20.85 -0.87
CA ASP C 33 1.45 -22.29 -1.17
C ASP C 33 2.91 -22.65 -1.44
N ALA C 34 3.82 -21.96 -0.75
CA ALA C 34 5.25 -22.18 -0.95
C ALA C 34 5.87 -23.07 0.12
N PRO C 35 7.01 -23.69 -0.23
CA PRO C 35 7.71 -24.57 0.70
C PRO C 35 8.24 -23.90 1.96
N ILE C 36 8.16 -24.61 3.07
CA ILE C 36 8.75 -24.12 4.31
C ILE C 36 10.03 -24.96 4.30
N VAL C 37 11.15 -24.25 4.21
CA VAL C 37 12.50 -24.81 4.08
C VAL C 37 13.23 -25.35 5.33
N GLY C 38 12.82 -24.91 6.53
CA GLY C 38 13.46 -25.37 7.73
C GLY C 38 12.86 -24.58 8.85
N ILE C 39 13.09 -25.01 10.09
CA ILE C 39 12.54 -24.33 11.25
C ILE C 39 13.61 -24.16 12.33
N ALA C 40 13.51 -23.07 13.10
CA ALA C 40 14.45 -22.83 14.18
C ALA C 40 13.72 -22.28 15.39
N VAL C 41 14.09 -22.75 16.55
CA VAL C 41 13.47 -22.32 17.78
C VAL C 41 14.59 -22.01 18.77
N VAL C 42 14.52 -20.85 19.42
CA VAL C 42 15.51 -20.46 20.42
C VAL C 42 14.64 -20.05 21.59
N ASN C 43 14.89 -20.65 22.76
CA ASN C 43 14.15 -20.34 23.98
C ASN C 43 15.12 -20.49 25.15
N GLU C 44 14.64 -20.36 26.38
CA GLU C 44 15.53 -20.48 27.51
C GLU C 44 16.30 -21.80 27.56
N HIS C 45 15.74 -22.87 26.97
CA HIS C 45 16.41 -24.17 26.99
C HIS C 45 17.42 -24.36 25.87
N GLY C 46 17.60 -23.38 25.00
CA GLY C 46 18.58 -23.56 23.95
C GLY C 46 18.18 -23.21 22.55
N ARG C 47 18.96 -23.67 21.59
CA ARG C 47 18.72 -23.40 20.18
C ARG C 47 18.51 -24.70 19.42
N PHE C 48 17.45 -24.73 18.62
CA PHE C 48 17.14 -25.94 17.87
C PHE C 48 16.78 -25.68 16.42
N PHE C 49 17.15 -26.63 15.56
CA PHE C 49 16.79 -26.55 14.15
C PHE C 49 15.98 -27.82 13.93
N LEU C 50 14.88 -27.70 13.20
CA LEU C 50 14.00 -28.84 12.91
C LEU C 50 13.73 -28.89 11.43
N ARG C 51 13.73 -30.08 10.86
CA ARG C 51 13.42 -30.21 9.45
C ARG C 51 11.91 -30.04 9.44
N PRO C 52 11.38 -29.31 8.46
CA PRO C 52 9.93 -29.07 8.36
C PRO C 52 9.04 -30.31 8.17
N GLU C 53 9.49 -31.27 7.38
CA GLU C 53 8.71 -32.48 7.14
C GLU C 53 8.42 -33.21 8.45
N THR C 54 9.32 -33.15 9.42
CA THR C 54 9.05 -33.85 10.65
C THR C 54 8.33 -33.00 11.70
N ALA C 55 8.72 -31.75 11.85
CA ALA C 55 8.05 -30.93 12.85
C ALA C 55 6.59 -30.61 12.48
N LEU C 56 6.32 -30.34 11.22
CA LEU C 56 4.96 -30.01 10.81
C LEU C 56 4.02 -31.24 10.76
N ALA C 57 4.62 -32.41 10.96
CA ALA C 57 3.88 -33.66 10.98
C ALA C 57 3.75 -34.12 12.44
N ASP C 58 4.38 -33.41 13.36
CA ASP C 58 4.34 -33.72 14.80
C ASP C 58 3.16 -33.01 15.45
N PRO C 59 2.19 -33.78 16.00
CA PRO C 59 1.03 -33.13 16.63
C PRO C 59 1.35 -32.14 17.75
N GLN C 60 2.38 -32.41 18.55
CA GLN C 60 2.74 -31.50 19.65
C GLN C 60 3.28 -30.18 19.17
N PHE C 61 4.06 -30.23 18.08
CA PHE C 61 4.61 -29.02 17.50
C PHE C 61 3.50 -28.21 16.83
N VAL C 62 2.63 -28.86 16.07
CA VAL C 62 1.51 -28.15 15.44
C VAL C 62 0.61 -27.56 16.52
N ALA C 63 0.42 -28.28 17.63
CA ALA C 63 -0.43 -27.78 18.72
C ALA C 63 0.24 -26.60 19.40
N TRP C 64 1.55 -26.69 19.59
CA TRP C 64 2.30 -25.61 20.23
C TRP C 64 2.19 -24.36 19.32
N LEU C 65 2.29 -24.56 18.01
CA LEU C 65 2.19 -23.47 17.03
C LEU C 65 0.83 -22.76 17.15
N GLY C 66 -0.23 -23.55 17.34
CA GLY C 66 -1.54 -22.96 17.42
C GLY C 66 -1.96 -22.51 18.80
N ASP C 67 -1.12 -22.75 19.79
CA ASP C 67 -1.50 -22.34 21.14
C ASP C 67 -1.18 -20.88 21.36
N GLU C 68 -2.25 -20.10 21.46
CA GLU C 68 -2.17 -18.67 21.66
C GLU C 68 -1.40 -18.29 22.94
N THR C 69 -1.37 -19.18 23.93
CA THR C 69 -0.67 -18.86 25.17
C THR C 69 0.83 -19.16 25.13
N LYS C 70 1.30 -19.73 24.03
CA LYS C 70 2.71 -20.06 23.82
C LYS C 70 3.17 -18.91 22.93
N LYS C 71 3.86 -17.96 23.53
CA LYS C 71 4.32 -16.76 22.83
C LYS C 71 5.54 -16.91 21.94
N LYS C 72 5.41 -16.43 20.71
CA LYS C 72 6.49 -16.49 19.75
C LYS C 72 6.89 -15.09 19.28
N SER C 73 8.20 -14.91 19.11
CA SER C 73 8.73 -13.65 18.59
C SER C 73 9.25 -14.06 17.24
N MET C 74 8.91 -13.29 16.23
CA MET C 74 9.36 -13.61 14.88
C MET C 74 9.74 -12.36 14.06
N PHE C 75 10.06 -12.59 12.78
CA PHE C 75 10.37 -11.53 11.84
C PHE C 75 9.54 -11.87 10.59
N ASP C 76 8.53 -11.03 10.29
CA ASP C 76 7.61 -11.26 9.16
C ASP C 76 6.76 -12.54 9.42
N SER C 77 6.06 -12.54 10.52
CA SER C 77 5.22 -13.68 10.87
C SER C 77 4.08 -13.88 9.88
N LYS C 78 3.67 -12.82 9.18
CA LYS C 78 2.59 -12.96 8.21
C LYS C 78 3.02 -13.96 7.12
N ARG C 79 4.27 -13.89 6.69
CA ARG C 79 4.81 -14.80 5.67
C ARG C 79 4.66 -16.27 6.13
N ALA C 80 5.03 -16.54 7.39
CA ALA C 80 4.96 -17.88 7.99
C ALA C 80 3.50 -18.30 8.18
N ALA C 81 2.71 -17.38 8.74
CA ALA C 81 1.30 -17.63 8.96
C ALA C 81 0.57 -18.07 7.69
N VAL C 82 0.80 -17.34 6.60
CA VAL C 82 0.14 -17.68 5.35
C VAL C 82 0.69 -18.97 4.75
N ALA C 83 2.02 -19.16 4.78
CA ALA C 83 2.61 -20.40 4.23
C ALA C 83 2.03 -21.60 5.01
N LEU C 84 1.76 -21.41 6.30
CA LEU C 84 1.17 -22.47 7.14
C LEU C 84 -0.36 -22.63 6.90
N LYS C 85 -1.08 -21.51 6.69
CA LYS C 85 -2.49 -21.59 6.37
C LYS C 85 -2.63 -22.48 5.14
N TRP C 86 -1.73 -22.33 4.18
CA TRP C 86 -1.81 -23.17 2.98
C TRP C 86 -1.57 -24.64 3.31
N LYS C 87 -1.04 -24.93 4.49
CA LYS C 87 -0.78 -26.31 4.92
C LYS C 87 -1.81 -26.75 5.94
N GLY C 88 -2.84 -25.95 6.14
CA GLY C 88 -3.86 -26.32 7.09
C GLY C 88 -3.41 -26.21 8.53
N ILE C 89 -2.35 -25.44 8.80
CA ILE C 89 -1.84 -25.23 10.17
C ILE C 89 -2.04 -23.76 10.61
N GLU C 90 -2.55 -23.57 11.83
CA GLU C 90 -2.80 -22.23 12.39
C GLU C 90 -1.64 -21.75 13.27
N LEU C 91 -1.17 -20.53 13.03
CA LEU C 91 -0.09 -19.97 13.84
C LEU C 91 -0.70 -18.96 14.81
N CYS C 92 -0.46 -19.11 16.11
CA CYS C 92 -1.02 -18.19 17.09
C CYS C 92 0.04 -17.80 18.10
N GLY C 93 -0.27 -16.82 18.93
CA GLY C 93 0.65 -16.43 19.98
C GLY C 93 1.85 -15.60 19.58
N VAL C 94 1.83 -15.01 18.39
CA VAL C 94 2.96 -14.19 17.96
C VAL C 94 2.84 -12.84 18.70
N SER C 95 3.66 -12.64 19.72
CA SER C 95 3.57 -11.41 20.49
C SER C 95 4.54 -10.32 20.06
N PHE C 96 5.44 -10.63 19.16
CA PHE C 96 6.40 -9.64 18.73
C PHE C 96 6.93 -9.97 17.33
N ASP C 97 6.81 -9.02 16.41
CA ASP C 97 7.28 -9.18 15.04
C ASP C 97 8.36 -8.10 14.81
N LEU C 98 9.61 -8.54 14.72
CA LEU C 98 10.77 -7.65 14.54
C LEU C 98 10.72 -6.77 13.29
N LEU C 99 10.16 -7.28 12.20
CA LEU C 99 10.06 -6.52 10.97
C LEU C 99 9.15 -5.30 11.18
N LEU C 100 8.03 -5.53 11.84
CA LEU C 100 7.08 -4.47 12.10
C LEU C 100 7.64 -3.49 13.12
N ALA C 101 8.35 -3.99 14.13
CA ALA C 101 8.94 -3.13 15.15
C ALA C 101 9.98 -2.21 14.48
N ALA C 102 10.80 -2.80 13.62
CA ALA C 102 11.81 -2.03 12.90
C ALA C 102 11.14 -0.98 11.99
N TYR C 103 10.08 -1.39 11.29
CA TYR C 103 9.38 -0.48 10.40
C TYR C 103 8.83 0.75 11.12
N LEU C 104 8.25 0.54 12.28
CA LEU C 104 7.68 1.63 13.04
C LEU C 104 8.76 2.55 13.56
N LEU C 105 9.88 1.97 13.98
CA LEU C 105 10.97 2.77 14.54
C LEU C 105 11.55 3.72 13.51
N ASP C 106 11.66 3.23 12.27
CA ASP C 106 12.19 4.04 11.18
C ASP C 106 12.01 3.36 9.84
N PRO C 107 10.91 3.70 9.13
CA PRO C 107 10.57 3.15 7.82
C PRO C 107 11.57 3.44 6.70
N ALA C 108 12.38 4.48 6.88
CA ALA C 108 13.36 4.84 5.86
C ALA C 108 14.55 3.89 5.84
N GLN C 109 14.78 3.17 6.94
CA GLN C 109 15.90 2.23 7.01
C GLN C 109 15.78 1.16 5.93
N GLY C 110 14.55 0.84 5.55
CA GLY C 110 14.35 -0.19 4.54
C GLY C 110 14.66 -1.59 5.05
N VAL C 111 14.37 -1.82 6.33
CA VAL C 111 14.61 -3.12 6.95
C VAL C 111 13.79 -4.20 6.29
N ASP C 112 14.47 -5.14 5.63
CA ASP C 112 13.79 -6.24 4.96
C ASP C 112 14.35 -7.62 5.31
N ASP C 113 15.22 -7.66 6.30
CA ASP C 113 15.71 -8.93 6.81
C ASP C 113 16.20 -8.72 8.22
N VAL C 114 16.43 -9.84 8.90
CA VAL C 114 16.82 -9.80 10.30
C VAL C 114 18.15 -9.07 10.46
N ARG C 115 19.07 -9.26 9.54
CA ARG C 115 20.37 -8.59 9.64
C ARG C 115 20.23 -7.06 9.64
N ALA C 116 19.37 -6.55 8.74
CA ALA C 116 19.13 -5.10 8.64
C ALA C 116 18.57 -4.57 9.97
N ALA C 117 17.59 -5.27 10.56
CA ALA C 117 17.02 -4.84 11.83
C ALA C 117 18.04 -4.92 12.97
N ALA C 118 18.81 -6.01 12.99
CA ALA C 118 19.82 -6.22 14.02
C ALA C 118 20.91 -5.16 13.96
N LYS C 119 21.30 -4.76 12.76
CA LYS C 119 22.35 -3.75 12.62
C LYS C 119 21.94 -2.46 13.30
N MET C 120 20.64 -2.18 13.32
CA MET C 120 20.12 -0.99 13.97
C MET C 120 20.57 -0.92 15.44
N LYS C 121 20.86 -2.07 16.04
CA LYS C 121 21.30 -2.06 17.41
C LYS C 121 22.67 -2.66 17.60
N GLN C 122 23.53 -2.50 16.60
CA GLN C 122 24.93 -2.97 16.65
C GLN C 122 25.09 -4.47 16.90
N TYR C 123 24.18 -5.24 16.31
CA TYR C 123 24.20 -6.68 16.42
C TYR C 123 24.43 -7.14 14.99
N GLU C 124 25.57 -7.80 14.76
CA GLU C 124 25.87 -8.26 13.42
C GLU C 124 26.26 -9.72 13.33
N ALA C 125 25.85 -10.48 14.33
CA ALA C 125 26.15 -11.91 14.38
C ALA C 125 25.10 -12.73 13.59
N VAL C 126 24.69 -12.18 12.47
CA VAL C 126 23.72 -12.82 11.60
C VAL C 126 23.94 -12.28 10.20
N ARG C 127 23.82 -13.13 9.18
CA ARG C 127 24.02 -12.70 7.82
C ARG C 127 22.75 -12.22 7.13
N PRO C 128 22.91 -11.35 6.13
CA PRO C 128 21.80 -10.81 5.34
C PRO C 128 21.31 -12.02 4.55
N ASP C 129 20.00 -12.12 4.36
CA ASP C 129 19.42 -13.24 3.63
C ASP C 129 19.99 -13.38 2.24
N GLU C 130 20.23 -12.25 1.58
CA GLU C 130 20.75 -12.27 0.23
C GLU C 130 22.10 -12.93 0.18
N ALA C 131 22.86 -12.74 1.25
CA ALA C 131 24.17 -13.31 1.35
C ALA C 131 24.08 -14.83 1.39
N VAL C 132 23.12 -15.39 2.11
CA VAL C 132 23.08 -16.84 2.14
C VAL C 132 22.26 -17.51 1.04
N TYR C 133 21.19 -16.85 0.58
CA TYR C 133 20.33 -17.41 -0.50
C TYR C 133 20.74 -17.01 -1.89
N GLY C 134 21.44 -15.89 -2.00
CA GLY C 134 21.86 -15.41 -3.31
C GLY C 134 20.79 -14.52 -3.87
N LYS C 135 20.99 -14.07 -5.11
CA LYS C 135 20.05 -13.18 -5.76
C LYS C 135 19.50 -13.72 -7.09
N GLY C 136 18.21 -13.50 -7.32
CA GLY C 136 17.58 -13.94 -8.55
C GLY C 136 17.90 -15.32 -9.08
N ALA C 137 18.35 -15.39 -10.33
CA ALA C 137 18.67 -16.68 -10.93
C ALA C 137 19.46 -17.56 -9.94
N LYS C 138 20.63 -17.08 -9.55
CA LYS C 138 21.48 -17.85 -8.63
C LYS C 138 20.92 -18.08 -7.22
N ARG C 139 19.70 -17.60 -6.97
CA ARG C 139 19.08 -17.80 -5.66
C ARG C 139 18.97 -19.31 -5.45
N ALA C 140 19.08 -19.75 -4.20
CA ALA C 140 18.99 -21.17 -3.92
C ALA C 140 19.11 -21.43 -2.43
N VAL C 141 18.42 -22.46 -1.95
CA VAL C 141 18.49 -22.83 -0.53
C VAL C 141 19.82 -23.57 -0.41
N PRO C 142 20.63 -23.23 0.61
CA PRO C 142 21.90 -23.92 0.76
C PRO C 142 21.76 -25.25 1.46
N ASP C 143 22.87 -25.98 1.59
CA ASP C 143 22.82 -27.27 2.25
C ASP C 143 22.47 -27.10 3.73
N GLU C 144 21.85 -28.12 4.28
CA GLU C 144 21.39 -28.11 5.66
C GLU C 144 22.27 -27.50 6.73
N PRO C 145 23.58 -27.75 6.68
CA PRO C 145 24.43 -27.17 7.71
C PRO C 145 24.47 -25.65 7.63
N VAL C 146 24.55 -25.15 6.41
CA VAL C 146 24.57 -23.72 6.15
C VAL C 146 23.20 -23.11 6.46
N LEU C 147 22.16 -23.77 5.97
CA LEU C 147 20.77 -23.34 6.16
C LEU C 147 20.42 -23.31 7.64
N ALA C 148 20.71 -24.41 8.33
CA ALA C 148 20.41 -24.53 9.74
C ALA C 148 21.10 -23.47 10.57
N GLU C 149 22.35 -23.17 10.25
CA GLU C 149 23.04 -22.15 11.02
C GLU C 149 22.43 -20.77 10.78
N HIS C 150 22.09 -20.47 9.53
CA HIS C 150 21.48 -19.19 9.22
C HIS C 150 20.14 -18.98 9.96
N LEU C 151 19.27 -20.00 9.97
CA LEU C 151 17.99 -19.88 10.66
C LEU C 151 18.15 -19.74 12.16
N VAL C 152 19.09 -20.48 12.74
CA VAL C 152 19.32 -20.39 14.17
C VAL C 152 19.87 -18.99 14.51
N ARG C 153 20.78 -18.49 13.69
CA ARG C 153 21.36 -17.17 13.96
C ARG C 153 20.26 -16.08 13.85
N LYS C 154 19.32 -16.26 12.92
CA LYS C 154 18.22 -15.30 12.80
C LYS C 154 17.33 -15.39 14.07
N ALA C 155 17.03 -16.61 14.49
CA ALA C 155 16.23 -16.80 15.70
C ALA C 155 16.90 -16.23 16.93
N ALA C 156 18.22 -16.40 17.02
CA ALA C 156 18.96 -15.88 18.19
C ALA C 156 18.93 -14.34 18.20
N ALA C 157 18.99 -13.72 17.01
CA ALA C 157 18.93 -12.24 16.91
C ALA C 157 17.58 -11.75 17.42
N ILE C 158 16.50 -12.34 16.90
CA ILE C 158 15.15 -11.97 17.37
C ILE C 158 15.05 -12.16 18.87
N TRP C 159 15.53 -13.30 19.35
CA TRP C 159 15.49 -13.56 20.79
C TRP C 159 16.20 -12.44 21.56
N GLU C 160 17.37 -12.03 21.07
CA GLU C 160 18.16 -10.98 21.72
C GLU C 160 17.64 -9.56 21.53
N LEU C 161 17.22 -9.25 20.32
CA LEU C 161 16.76 -7.90 19.99
C LEU C 161 15.35 -7.51 20.42
N GLU C 162 14.51 -8.46 20.79
CA GLU C 162 13.17 -8.11 21.20
C GLU C 162 13.07 -7.05 22.31
N ARG C 163 13.87 -7.18 23.36
CA ARG C 163 13.81 -6.23 24.46
C ARG C 163 14.22 -4.81 24.08
N PRO C 164 15.41 -4.64 23.49
CA PRO C 164 15.82 -3.27 23.11
C PRO C 164 14.86 -2.59 22.12
N PHE C 165 14.29 -3.36 21.19
CA PHE C 165 13.34 -2.79 20.24
C PHE C 165 12.06 -2.31 20.93
N LEU C 166 11.50 -3.15 21.81
CA LEU C 166 10.29 -2.82 22.56
C LEU C 166 10.57 -1.61 23.44
N ASP C 167 11.78 -1.56 24.00
CA ASP C 167 12.22 -0.44 24.85
C ASP C 167 12.21 0.89 24.06
N GLU C 168 12.76 0.87 22.85
CA GLU C 168 12.77 2.09 22.04
C GLU C 168 11.33 2.42 21.60
N LEU C 169 10.56 1.42 21.17
CA LEU C 169 9.17 1.68 20.79
C LEU C 169 8.43 2.36 21.93
N ARG C 170 8.67 1.93 23.16
CA ARG C 170 8.01 2.55 24.30
C ARG C 170 8.41 4.01 24.50
N ARG C 171 9.70 4.30 24.32
CA ARG C 171 10.21 5.66 24.44
C ARG C 171 9.54 6.55 23.39
N ASN C 172 9.35 6.01 22.19
CA ASN C 172 8.69 6.70 21.08
C ASN C 172 7.17 6.71 21.24
N GLU C 173 6.68 6.11 22.32
CA GLU C 173 5.23 6.04 22.50
C GLU C 173 4.61 5.28 21.35
N GLN C 174 5.33 4.26 20.87
CA GLN C 174 4.88 3.43 19.75
C GLN C 174 4.62 1.95 20.11
N ASP C 175 4.66 1.64 21.40
CA ASP C 175 4.44 0.26 21.82
C ASP C 175 3.03 -0.24 21.45
N ARG C 176 2.00 0.57 21.69
CA ARG C 176 0.65 0.14 21.37
C ARG C 176 0.43 0.16 19.89
N LEU C 177 1.13 1.07 19.20
CA LEU C 177 1.00 1.14 17.76
C LEU C 177 1.43 -0.22 17.23
N LEU C 178 2.44 -0.80 17.85
CA LEU C 178 2.89 -2.09 17.40
C LEU C 178 1.98 -3.23 17.88
N VAL C 179 1.69 -3.25 19.18
CA VAL C 179 0.91 -4.34 19.74
C VAL C 179 -0.58 -4.35 19.48
N GLU C 180 -1.20 -3.17 19.41
CA GLU C 180 -2.63 -3.10 19.20
C GLU C 180 -3.04 -2.75 17.79
N LEU C 181 -2.09 -2.28 16.98
CA LEU C 181 -2.45 -1.96 15.61
C LEU C 181 -1.80 -2.84 14.55
N GLU C 182 -0.51 -2.64 14.30
CA GLU C 182 0.18 -3.40 13.25
C GLU C 182 0.23 -4.92 13.38
N GLN C 183 0.44 -5.42 14.59
CA GLN C 183 0.49 -6.88 14.76
C GLN C 183 -0.92 -7.48 14.54
N PRO C 184 -1.97 -6.94 15.20
CA PRO C 184 -3.29 -7.54 14.92
C PRO C 184 -3.64 -7.38 13.42
N LEU C 185 -3.18 -6.28 12.81
CA LEU C 185 -3.47 -6.08 11.39
C LEU C 185 -2.78 -7.11 10.53
N SER C 186 -1.59 -7.52 10.95
CA SER C 186 -0.84 -8.50 10.20
C SER C 186 -1.66 -9.78 9.98
N SER C 187 -2.30 -10.25 11.04
CA SER C 187 -3.15 -11.45 10.99
C SER C 187 -4.37 -11.25 10.08
N ILE C 188 -4.93 -10.04 10.07
CA ILE C 188 -6.07 -9.76 9.22
C ILE C 188 -5.58 -9.79 7.76
N LEU C 189 -4.41 -9.21 7.49
CA LEU C 189 -3.89 -9.22 6.11
C LEU C 189 -3.60 -10.64 5.64
N ALA C 190 -3.15 -11.48 6.57
CA ALA C 190 -2.86 -12.88 6.22
C ALA C 190 -4.15 -13.57 5.77
N GLU C 191 -5.25 -13.32 6.48
CA GLU C 191 -6.51 -13.92 6.11
C GLU C 191 -6.95 -13.43 4.72
N MET C 192 -6.82 -12.13 4.47
CA MET C 192 -7.21 -11.57 3.17
C MET C 192 -6.44 -12.17 2.01
N GLU C 193 -5.11 -12.22 2.13
CA GLU C 193 -4.25 -12.75 1.08
C GLU C 193 -4.55 -14.23 0.84
N PHE C 194 -4.68 -14.98 1.93
CA PHE C 194 -4.98 -16.41 1.84
C PHE C 194 -6.33 -16.65 1.14
N ALA C 195 -7.35 -15.89 1.52
CA ALA C 195 -8.69 -15.97 0.91
C ALA C 195 -8.62 -15.65 -0.59
N GLY C 196 -7.89 -14.60 -0.96
CA GLY C 196 -7.82 -14.29 -2.37
C GLY C 196 -9.09 -13.66 -2.95
N VAL C 197 -9.03 -13.31 -4.23
CA VAL C 197 -10.15 -12.70 -4.94
C VAL C 197 -10.38 -13.53 -6.19
N LYS C 198 -11.63 -13.94 -6.39
CA LYS C 198 -12.04 -14.73 -7.54
C LYS C 198 -12.03 -13.90 -8.83
N VAL C 199 -11.49 -14.48 -9.89
CA VAL C 199 -11.38 -13.81 -11.19
C VAL C 199 -12.14 -14.58 -12.27
N ASP C 200 -12.96 -13.86 -13.02
CA ASP C 200 -13.71 -14.46 -14.12
C ASP C 200 -12.77 -14.40 -15.33
N THR C 201 -11.91 -15.42 -15.47
CA THR C 201 -10.93 -15.43 -16.55
C THR C 201 -11.49 -15.53 -17.96
N LYS C 202 -12.70 -16.05 -18.08
CA LYS C 202 -13.33 -16.14 -19.38
C LYS C 202 -13.64 -14.71 -19.79
N ARG C 203 -14.13 -13.90 -18.86
CA ARG C 203 -14.46 -12.51 -19.16
C ARG C 203 -13.19 -11.78 -19.54
N LEU C 204 -12.16 -11.99 -18.73
CA LEU C 204 -10.86 -11.38 -18.94
C LEU C 204 -10.35 -11.77 -20.31
N GLU C 205 -10.50 -13.03 -20.68
CA GLU C 205 -10.04 -13.46 -21.98
C GLU C 205 -10.88 -12.85 -23.13
N GLN C 206 -12.14 -12.55 -22.87
CA GLN C 206 -12.98 -11.95 -23.90
C GLN C 206 -12.48 -10.51 -24.11
N MET C 207 -12.26 -9.79 -23.00
CA MET C 207 -11.78 -8.41 -23.04
C MET C 207 -10.46 -8.30 -23.79
N GLY C 208 -9.49 -9.12 -23.44
CA GLY C 208 -8.22 -9.08 -24.13
C GLY C 208 -8.38 -9.26 -25.62
N LYS C 209 -9.43 -9.99 -26.00
CA LYS C 209 -9.75 -10.29 -27.39
C LYS C 209 -10.19 -9.03 -28.17
N GLU C 210 -11.13 -8.29 -27.57
CA GLU C 210 -11.61 -7.07 -28.19
C GLU C 210 -10.47 -6.05 -28.14
N LEU C 211 -9.86 -5.91 -26.96
CA LEU C 211 -8.75 -4.97 -26.79
C LEU C 211 -7.67 -5.20 -27.85
N ALA C 212 -7.46 -6.46 -28.24
CA ALA C 212 -6.45 -6.79 -29.25
C ALA C 212 -6.91 -6.29 -30.59
N GLU C 213 -8.22 -6.26 -30.78
CA GLU C 213 -8.79 -5.79 -32.01
C GLU C 213 -8.57 -4.28 -32.09
N GLN C 214 -9.02 -3.56 -31.07
CA GLN C 214 -8.87 -2.11 -30.98
C GLN C 214 -7.42 -1.67 -31.15
N LEU C 215 -6.56 -2.28 -30.36
CA LEU C 215 -5.13 -2.00 -30.37
C LEU C 215 -4.63 -2.01 -31.81
N GLY C 216 -4.88 -3.12 -32.50
CA GLY C 216 -4.43 -3.28 -33.88
C GLY C 216 -4.94 -2.23 -34.85
N THR C 217 -6.14 -1.75 -34.57
CA THR C 217 -6.78 -0.74 -35.38
C THR C 217 -6.14 0.64 -35.14
N VAL C 218 -5.93 0.98 -33.87
CA VAL C 218 -5.31 2.26 -33.55
C VAL C 218 -3.85 2.26 -33.98
N GLU C 219 -3.18 1.11 -33.84
CA GLU C 219 -1.78 1.00 -34.22
C GLU C 219 -1.57 1.19 -35.71
N GLN C 220 -2.47 0.62 -36.52
CA GLN C 220 -2.35 0.76 -37.96
C GLN C 220 -2.59 2.24 -38.31
N ARG C 221 -3.63 2.83 -37.74
CA ARG C 221 -3.95 4.23 -37.98
C ARG C 221 -2.71 5.08 -37.72
N ILE C 222 -2.03 4.79 -36.61
CA ILE C 222 -0.84 5.53 -36.21
C ILE C 222 0.28 5.41 -37.25
N TYR C 223 0.36 4.28 -37.92
CA TYR C 223 1.40 4.08 -38.94
C TYR C 223 1.03 4.93 -40.15
N GLU C 224 -0.27 5.12 -40.36
CA GLU C 224 -0.73 5.92 -41.47
C GLU C 224 -0.33 7.36 -41.23
N LEU C 225 -0.81 7.93 -40.12
CA LEU C 225 -0.52 9.30 -39.76
C LEU C 225 0.98 9.61 -39.66
N ALA C 226 1.79 8.60 -39.41
CA ALA C 226 3.23 8.80 -39.30
C ALA C 226 3.86 8.66 -40.67
N GLY C 227 3.26 7.84 -41.52
CA GLY C 227 3.81 7.63 -42.84
C GLY C 227 4.79 6.46 -42.84
N GLN C 228 4.90 5.78 -41.70
CA GLN C 228 5.80 4.62 -41.57
C GLN C 228 5.52 3.88 -40.27
N GLU C 229 5.97 2.63 -40.21
CA GLU C 229 5.79 1.85 -39.01
C GLU C 229 6.98 2.08 -38.09
N PHE C 230 6.73 2.12 -36.79
CA PHE C 230 7.79 2.30 -35.79
C PHE C 230 7.31 1.68 -34.47
N ASN C 231 8.18 1.60 -33.46
CA ASN C 231 7.80 1.04 -32.17
C ASN C 231 7.16 2.09 -31.26
N ILE C 232 5.84 2.14 -31.26
CA ILE C 232 5.12 3.10 -30.47
C ILE C 232 5.41 2.95 -28.98
N ASN C 233 5.92 1.78 -28.59
CA ASN C 233 6.24 1.54 -27.18
C ASN C 233 7.62 2.02 -26.84
N SER C 234 8.33 2.48 -27.84
CA SER C 234 9.67 3.00 -27.63
C SER C 234 9.59 4.52 -27.60
N PRO C 235 9.57 5.12 -26.41
CA PRO C 235 9.52 6.60 -26.35
C PRO C 235 10.65 7.19 -27.21
N LYS C 236 11.66 6.37 -27.48
CA LYS C 236 12.79 6.78 -28.28
C LYS C 236 12.35 6.95 -29.72
N GLN C 237 11.89 5.85 -30.31
CA GLN C 237 11.43 5.88 -31.69
C GLN C 237 10.23 6.80 -31.80
N LEU C 238 9.50 6.96 -30.70
CA LEU C 238 8.33 7.81 -30.67
C LEU C 238 8.78 9.26 -30.79
N GLY C 239 9.72 9.67 -29.92
CA GLY C 239 10.22 11.03 -29.93
C GLY C 239 10.81 11.54 -31.25
N VAL C 240 11.32 10.62 -32.06
CA VAL C 240 11.91 10.98 -33.32
C VAL C 240 10.82 11.19 -34.39
N ILE C 241 9.79 10.33 -34.38
CA ILE C 241 8.70 10.44 -35.35
C ILE C 241 7.86 11.68 -35.09
N LEU C 242 7.70 12.04 -33.82
CA LEU C 242 6.90 13.20 -33.43
C LEU C 242 7.65 14.52 -33.64
N PHE C 243 8.82 14.61 -33.01
CA PHE C 243 9.62 15.82 -33.06
C PHE C 243 10.61 16.03 -34.21
N GLU C 244 10.79 15.02 -35.05
CA GLU C 244 11.69 15.16 -36.19
C GLU C 244 10.91 14.96 -37.48
N LYS C 245 10.28 13.80 -37.65
CA LYS C 245 9.50 13.54 -38.86
C LYS C 245 8.24 14.40 -39.07
N LEU C 246 7.50 14.66 -37.99
CA LEU C 246 6.29 15.45 -38.08
C LEU C 246 6.52 16.86 -37.55
N GLN C 247 7.75 17.14 -37.12
CA GLN C 247 8.09 18.48 -36.66
C GLN C 247 7.22 19.06 -35.57
N LEU C 248 6.62 18.22 -34.74
CA LEU C 248 5.80 18.76 -33.67
C LEU C 248 6.73 19.55 -32.74
N PRO C 249 6.19 20.56 -32.05
CA PRO C 249 6.98 21.41 -31.15
C PRO C 249 7.55 20.64 -29.97
N VAL C 250 8.68 21.12 -29.47
CA VAL C 250 9.32 20.51 -28.31
C VAL C 250 9.03 21.46 -27.18
N LEU C 251 7.97 21.14 -26.45
CA LEU C 251 7.53 21.92 -25.30
C LEU C 251 8.21 21.36 -24.06
N LYS C 252 8.72 20.13 -24.19
CA LYS C 252 9.43 19.48 -23.11
C LYS C 252 10.40 18.40 -23.57
N LYS C 253 11.49 18.29 -22.83
CA LYS C 253 12.55 17.32 -23.11
C LYS C 253 12.68 16.35 -21.92
N THR C 254 13.53 15.35 -22.08
CA THR C 254 13.78 14.36 -21.03
C THR C 254 15.29 14.50 -20.76
N LYS C 255 15.85 13.74 -19.81
CA LYS C 255 17.29 13.82 -19.52
C LYS C 255 18.04 14.00 -20.84
N THR C 256 17.96 13.01 -21.72
CA THR C 256 18.56 13.08 -23.05
C THR C 256 17.44 12.71 -24.02
N GLY C 257 17.32 13.44 -25.13
CA GLY C 257 16.27 13.16 -26.08
C GLY C 257 15.00 13.94 -25.73
N TYR C 258 13.87 13.53 -26.30
CA TYR C 258 12.63 14.22 -26.06
C TYR C 258 11.73 13.54 -25.04
N SER C 259 10.81 14.31 -24.49
CA SER C 259 9.86 13.77 -23.54
C SER C 259 8.50 13.55 -24.18
N THR C 260 8.02 12.31 -24.14
CA THR C 260 6.71 11.96 -24.69
C THR C 260 5.80 11.72 -23.50
N SER C 261 6.11 12.40 -22.39
CA SER C 261 5.33 12.27 -21.18
C SER C 261 3.87 12.47 -21.54
N ALA C 262 2.97 12.05 -20.66
CA ALA C 262 1.54 12.16 -20.93
C ALA C 262 0.98 13.56 -21.23
N ASP C 263 1.16 14.48 -20.30
CA ASP C 263 0.62 15.82 -20.51
C ASP C 263 1.37 16.62 -21.58
N VAL C 264 2.54 16.16 -21.98
CA VAL C 264 3.25 16.85 -23.04
C VAL C 264 2.46 16.54 -24.31
N LEU C 265 2.10 15.27 -24.48
CA LEU C 265 1.33 14.84 -25.65
C LEU C 265 -0.04 15.49 -25.63
N GLU C 266 -0.49 15.84 -24.43
CA GLU C 266 -1.77 16.49 -24.22
C GLU C 266 -1.66 17.84 -24.94
N LYS C 267 -0.63 18.60 -24.60
CA LYS C 267 -0.35 19.90 -25.21
C LYS C 267 -0.21 19.76 -26.72
N LEU C 268 0.52 18.75 -27.16
CA LEU C 268 0.73 18.51 -28.59
C LEU C 268 -0.52 18.11 -29.35
N ALA C 269 -1.50 17.56 -28.64
CA ALA C 269 -2.75 17.08 -29.25
C ALA C 269 -3.23 17.96 -30.41
N PRO C 270 -3.48 19.25 -30.14
CA PRO C 270 -3.92 20.22 -31.15
C PRO C 270 -3.18 20.19 -32.49
N TYR C 271 -1.87 19.98 -32.49
CA TYR C 271 -1.11 19.98 -33.75
C TYR C 271 -1.23 18.84 -34.75
N HIS C 272 -1.42 17.62 -34.25
CA HIS C 272 -1.48 16.47 -35.15
C HIS C 272 -2.48 15.40 -34.75
N GLU C 273 -3.13 14.79 -35.74
CA GLU C 273 -4.13 13.73 -35.51
C GLU C 273 -3.47 12.49 -34.89
N ILE C 274 -2.15 12.38 -35.02
CA ILE C 274 -1.42 11.25 -34.47
C ILE C 274 -1.32 11.25 -32.95
N VAL C 275 -1.25 12.43 -32.33
CA VAL C 275 -1.10 12.45 -30.87
C VAL C 275 -2.25 11.74 -30.11
N GLU C 276 -3.51 12.00 -30.50
CA GLU C 276 -4.65 11.36 -29.84
C GLU C 276 -4.59 9.84 -29.96
N ASN C 277 -4.18 9.33 -31.12
CA ASN C 277 -4.09 7.89 -31.32
C ASN C 277 -2.98 7.24 -30.50
N ILE C 278 -1.91 7.97 -30.25
CA ILE C 278 -0.80 7.44 -29.48
C ILE C 278 -1.18 7.40 -28.02
N LEU C 279 -1.97 8.37 -27.57
CA LEU C 279 -2.39 8.38 -26.17
C LEU C 279 -3.42 7.29 -25.90
N HIS C 280 -4.29 7.06 -26.87
CA HIS C 280 -5.34 6.06 -26.79
C HIS C 280 -4.67 4.69 -26.89
N TYR C 281 -3.71 4.57 -27.79
CA TYR C 281 -2.97 3.33 -27.98
C TYR C 281 -2.22 2.97 -26.68
N ARG C 282 -1.74 3.98 -25.98
CA ARG C 282 -1.02 3.76 -24.74
C ARG C 282 -1.97 3.32 -23.64
N GLN C 283 -3.21 3.78 -23.73
CA GLN C 283 -4.20 3.41 -22.74
C GLN C 283 -4.59 1.93 -22.91
N LEU C 284 -4.96 1.54 -24.11
CA LEU C 284 -5.34 0.15 -24.37
C LEU C 284 -4.16 -0.77 -24.10
N GLY C 285 -2.96 -0.30 -24.46
CA GLY C 285 -1.76 -1.09 -24.26
C GLY C 285 -1.45 -1.37 -22.81
N LYS C 286 -1.70 -0.42 -21.92
CA LYS C 286 -1.44 -0.62 -20.51
C LYS C 286 -2.46 -1.62 -19.99
N LEU C 287 -3.68 -1.52 -20.51
CA LEU C 287 -4.78 -2.41 -20.13
C LEU C 287 -4.46 -3.85 -20.50
N GLN C 288 -4.04 -4.03 -21.75
CA GLN C 288 -3.70 -5.35 -22.25
C GLN C 288 -2.50 -5.98 -21.55
N SER C 289 -1.39 -5.26 -21.51
CA SER C 289 -0.18 -5.80 -20.92
C SER C 289 -0.22 -6.03 -19.42
N THR C 290 -0.71 -5.05 -18.67
CA THR C 290 -0.75 -5.14 -17.22
C THR C 290 -2.04 -5.74 -16.65
N TYR C 291 -3.18 -5.32 -17.15
CA TYR C 291 -4.43 -5.79 -16.59
C TYR C 291 -5.16 -7.01 -17.20
N ILE C 292 -4.71 -7.50 -18.35
CA ILE C 292 -5.33 -8.70 -18.90
C ILE C 292 -4.25 -9.80 -18.86
N GLU C 293 -3.15 -9.57 -19.59
CA GLU C 293 -2.05 -10.51 -19.67
C GLU C 293 -1.34 -10.72 -18.35
N GLY C 294 -1.04 -9.63 -17.67
CA GLY C 294 -0.37 -9.73 -16.39
C GLY C 294 -1.24 -10.39 -15.34
N LEU C 295 -2.52 -10.02 -15.32
CA LEU C 295 -3.46 -10.58 -14.36
C LEU C 295 -3.57 -12.09 -14.57
N LEU C 296 -3.85 -12.45 -15.82
CA LEU C 296 -3.98 -13.84 -16.20
C LEU C 296 -2.76 -14.66 -15.76
N LYS C 297 -1.57 -14.09 -15.82
CA LYS C 297 -0.40 -14.85 -15.39
C LYS C 297 -0.41 -15.22 -13.91
N VAL C 298 -0.98 -14.38 -13.05
CA VAL C 298 -0.97 -14.71 -11.63
C VAL C 298 -2.24 -15.34 -11.09
N VAL C 299 -3.16 -15.71 -11.96
CA VAL C 299 -4.38 -16.35 -11.49
C VAL C 299 -4.04 -17.83 -11.26
N ARG C 300 -4.46 -18.42 -10.14
CA ARG C 300 -4.20 -19.86 -9.93
C ARG C 300 -5.24 -20.60 -10.77
N PRO C 301 -4.79 -21.49 -11.66
CA PRO C 301 -5.72 -22.23 -12.50
C PRO C 301 -6.68 -23.17 -11.77
N ASP C 302 -6.29 -23.64 -10.61
CA ASP C 302 -7.13 -24.57 -9.89
C ASP C 302 -8.31 -23.85 -9.26
N THR C 303 -8.10 -22.63 -8.79
CA THR C 303 -9.20 -21.91 -8.15
C THR C 303 -9.66 -20.63 -8.87
N LYS C 304 -8.96 -20.24 -9.93
CA LYS C 304 -9.28 -19.02 -10.65
C LYS C 304 -9.22 -17.83 -9.67
N LYS C 305 -8.39 -17.97 -8.63
CA LYS C 305 -8.19 -16.92 -7.64
C LYS C 305 -6.80 -16.26 -7.79
N VAL C 306 -6.75 -15.01 -7.34
CA VAL C 306 -5.55 -14.21 -7.38
C VAL C 306 -5.26 -13.90 -5.89
N HIS C 307 -4.03 -14.18 -5.45
CA HIS C 307 -3.63 -13.94 -4.05
C HIS C 307 -2.50 -12.93 -3.94
N THR C 308 -2.87 -11.68 -3.67
CA THR C 308 -1.90 -10.60 -3.50
C THR C 308 -1.10 -10.78 -2.21
N ILE C 309 0.00 -10.05 -2.10
CA ILE C 309 0.78 -10.04 -0.87
C ILE C 309 0.81 -8.57 -0.53
N PHE C 310 0.33 -8.21 0.67
CA PHE C 310 0.34 -6.81 1.09
C PHE C 310 1.63 -6.54 1.81
N ASN C 311 2.49 -5.67 1.26
CA ASN C 311 3.71 -5.33 1.94
C ASN C 311 3.30 -4.37 3.01
N GLN C 312 3.39 -4.77 4.28
CA GLN C 312 2.99 -3.93 5.40
C GLN C 312 4.14 -3.11 6.00
N ALA C 313 5.37 -3.30 5.52
CA ALA C 313 6.51 -2.59 6.11
C ALA C 313 7.40 -1.96 5.06
N LEU C 314 6.80 -1.26 4.11
CA LEU C 314 7.55 -0.65 3.03
C LEU C 314 7.36 0.87 2.90
N THR C 315 6.10 1.34 2.83
CA THR C 315 5.86 2.76 2.63
C THR C 315 6.32 3.69 3.73
N GLN C 316 6.73 4.88 3.31
CA GLN C 316 7.20 5.88 4.24
C GLN C 316 6.10 6.56 5.03
N THR C 317 4.85 6.39 4.62
CA THR C 317 3.69 7.00 5.32
C THR C 317 2.83 6.09 6.19
N GLY C 318 3.03 4.78 6.13
CA GLY C 318 2.21 3.90 6.94
C GLY C 318 1.16 3.21 6.09
N ARG C 319 1.17 3.50 4.78
CA ARG C 319 0.25 2.87 3.85
C ARG C 319 0.78 1.48 3.55
N LEU C 320 -0.07 0.64 2.97
CA LEU C 320 0.32 -0.71 2.58
C LEU C 320 0.63 -0.58 1.10
N SER C 321 1.26 -1.61 0.54
CA SER C 321 1.47 -1.67 -0.88
C SER C 321 0.99 -3.09 -1.20
N SER C 322 0.72 -3.35 -2.48
CA SER C 322 0.18 -4.61 -2.91
C SER C 322 0.95 -5.11 -4.14
N THR C 323 1.25 -6.41 -4.16
CA THR C 323 2.00 -6.99 -5.28
C THR C 323 1.55 -8.38 -5.70
N GLU C 324 1.89 -8.74 -6.93
CA GLU C 324 1.61 -10.06 -7.51
C GLU C 324 0.25 -10.68 -7.32
N PRO C 325 -0.81 -10.00 -7.80
CA PRO C 325 -0.72 -8.69 -8.50
C PRO C 325 -0.98 -7.50 -7.58
N ASN C 326 -0.78 -6.28 -8.10
CA ASN C 326 -1.08 -5.07 -7.34
C ASN C 326 -2.60 -4.88 -7.51
N LEU C 327 -3.32 -5.03 -6.41
CA LEU C 327 -4.77 -4.91 -6.49
C LEU C 327 -5.21 -3.54 -6.02
N GLN C 328 -4.25 -2.65 -5.81
CA GLN C 328 -4.56 -1.30 -5.36
C GLN C 328 -4.48 -0.30 -6.49
N ASN C 329 -4.34 -0.80 -7.71
CA ASN C 329 -4.29 0.11 -8.86
C ASN C 329 -5.05 -0.42 -10.08
N ILE C 330 -6.16 -1.12 -9.82
CA ILE C 330 -6.98 -1.64 -10.91
C ILE C 330 -7.68 -0.40 -11.48
N PRO C 331 -7.78 -0.29 -12.82
CA PRO C 331 -8.41 0.86 -13.49
C PRO C 331 -9.85 1.21 -13.05
N ILE C 332 -10.15 2.50 -12.98
CA ILE C 332 -11.47 2.98 -12.60
C ILE C 332 -11.81 4.35 -13.20
N ARG C 333 -10.80 5.20 -13.38
CA ARG C 333 -11.00 6.54 -13.93
C ARG C 333 -11.64 6.56 -15.34
N LEU C 334 -10.99 6.00 -16.33
CA LEU C 334 -11.54 5.98 -17.68
C LEU C 334 -12.42 4.75 -17.82
N GLU C 335 -13.61 4.91 -18.39
CA GLU C 335 -14.54 3.80 -18.55
C GLU C 335 -14.02 2.50 -19.20
N GLU C 336 -13.12 2.61 -20.19
CA GLU C 336 -12.61 1.38 -20.80
C GLU C 336 -11.74 0.52 -19.89
N GLY C 337 -11.01 1.16 -19.00
CA GLY C 337 -10.18 0.40 -18.09
C GLY C 337 -11.03 -0.08 -16.94
N ARG C 338 -12.02 0.74 -16.57
CA ARG C 338 -12.92 0.41 -15.49
C ARG C 338 -13.60 -0.94 -15.71
N LYS C 339 -13.89 -1.25 -16.97
CA LYS C 339 -14.53 -2.50 -17.30
C LYS C 339 -13.74 -3.71 -16.85
N ILE C 340 -12.45 -3.53 -16.62
CA ILE C 340 -11.59 -4.62 -16.17
C ILE C 340 -12.16 -5.18 -14.85
N ARG C 341 -12.76 -4.30 -14.05
CA ARG C 341 -13.33 -4.68 -12.76
C ARG C 341 -14.50 -5.63 -12.80
N GLN C 342 -14.98 -5.93 -14.00
CA GLN C 342 -16.07 -6.85 -14.21
C GLN C 342 -15.54 -8.26 -14.05
N ALA C 343 -14.22 -8.40 -14.19
CA ALA C 343 -13.56 -9.69 -14.06
C ALA C 343 -13.32 -10.10 -12.60
N PHE C 344 -13.52 -9.17 -11.67
CA PHE C 344 -13.35 -9.45 -10.25
C PHE C 344 -14.72 -9.76 -9.69
N VAL C 345 -14.92 -11.02 -9.31
CA VAL C 345 -16.22 -11.53 -8.88
C VAL C 345 -16.21 -12.19 -7.51
N PRO C 346 -17.40 -12.44 -6.92
CA PRO C 346 -17.45 -13.10 -5.60
C PRO C 346 -16.93 -14.55 -5.70
N SER C 347 -16.36 -15.06 -4.62
CA SER C 347 -15.81 -16.40 -4.67
C SER C 347 -16.85 -17.51 -4.44
N GLU C 348 -18.08 -17.12 -4.17
CA GLU C 348 -19.15 -18.10 -3.94
C GLU C 348 -20.41 -17.65 -4.65
N SER C 349 -21.24 -18.61 -5.06
CA SER C 349 -22.48 -18.26 -5.72
C SER C 349 -23.42 -17.59 -4.72
N ASP C 350 -24.18 -16.62 -5.22
CA ASP C 350 -25.14 -15.88 -4.40
C ASP C 350 -24.47 -14.93 -3.39
N TRP C 351 -23.20 -14.64 -3.63
CA TRP C 351 -22.42 -13.74 -2.79
C TRP C 351 -22.27 -12.48 -3.65
N LEU C 352 -21.96 -11.35 -3.02
CA LEU C 352 -21.77 -10.11 -3.77
C LEU C 352 -20.55 -9.31 -3.29
N ILE C 353 -20.10 -8.37 -4.10
CA ILE C 353 -18.97 -7.50 -3.76
C ILE C 353 -19.51 -6.25 -3.06
N PHE C 354 -18.94 -5.93 -1.90
CA PHE C 354 -19.33 -4.76 -1.10
C PHE C 354 -18.08 -3.87 -0.92
N ALA C 355 -18.16 -2.62 -1.39
CA ALA C 355 -17.04 -1.67 -1.31
C ALA C 355 -17.43 -0.40 -0.56
N ALA C 356 -16.66 -0.06 0.47
CA ALA C 356 -16.91 1.15 1.25
C ALA C 356 -15.69 2.06 1.22
N ASP C 357 -15.92 3.35 1.01
CA ASP C 357 -14.82 4.30 0.94
C ASP C 357 -15.01 5.57 1.74
N TYR C 358 -13.94 6.02 2.38
CA TYR C 358 -13.97 7.27 3.13
C TYR C 358 -14.10 8.44 2.12
N SER C 359 -14.95 9.39 2.46
CA SER C 359 -15.14 10.58 1.62
C SER C 359 -14.19 11.65 2.15
N GLN C 360 -13.17 11.98 1.36
CA GLN C 360 -12.20 13.01 1.77
C GLN C 360 -11.61 12.84 3.16
N ILE C 361 -11.10 11.66 3.50
CA ILE C 361 -10.54 11.47 4.83
C ILE C 361 -9.32 12.38 5.08
N GLU C 362 -8.53 12.61 4.04
CA GLU C 362 -7.31 13.42 4.17
C GLU C 362 -7.60 14.86 4.53
N LEU C 363 -8.50 15.49 3.78
CA LEU C 363 -8.85 16.87 4.06
C LEU C 363 -9.54 16.95 5.41
N ARG C 364 -10.30 15.92 5.78
CA ARG C 364 -10.98 15.88 7.08
C ARG C 364 -9.91 15.74 8.16
N VAL C 365 -8.91 14.92 7.91
CA VAL C 365 -7.84 14.78 8.89
C VAL C 365 -7.12 16.13 8.97
N LEU C 366 -6.89 16.79 7.84
CA LEU C 366 -6.22 18.11 7.86
C LEU C 366 -7.03 19.13 8.69
N ALA C 367 -8.36 19.14 8.48
CA ALA C 367 -9.23 20.06 9.23
C ALA C 367 -9.05 19.79 10.72
N HIS C 368 -8.90 18.52 11.07
CA HIS C 368 -8.74 18.14 12.46
C HIS C 368 -7.41 18.55 13.07
N ILE C 369 -6.30 18.21 12.40
CA ILE C 369 -4.98 18.54 12.95
C ILE C 369 -4.64 20.03 12.91
N ALA C 370 -5.08 20.76 11.88
CA ALA C 370 -4.82 22.20 11.82
C ALA C 370 -5.86 22.97 12.64
N GLU C 371 -7.00 22.34 12.89
CA GLU C 371 -8.09 22.98 13.62
C GLU C 371 -8.47 24.30 12.94
N ASP C 372 -8.59 24.24 11.62
CA ASP C 372 -8.98 25.39 10.85
C ASP C 372 -10.50 25.56 10.96
N ASP C 373 -10.95 26.66 11.54
CA ASP C 373 -12.39 26.90 11.70
C ASP C 373 -13.19 26.77 10.40
N ASN C 374 -12.72 27.39 9.33
CA ASN C 374 -13.42 27.36 8.05
C ASN C 374 -13.50 25.94 7.50
N LEU C 375 -12.36 25.25 7.51
CA LEU C 375 -12.29 23.88 7.00
C LEU C 375 -13.17 22.93 7.85
N MET C 376 -13.13 23.06 9.17
CA MET C 376 -13.93 22.20 10.05
C MET C 376 -15.43 22.46 9.85
N GLU C 377 -15.80 23.73 9.69
CA GLU C 377 -17.19 24.09 9.45
C GLU C 377 -17.66 23.52 8.12
N ALA C 378 -16.79 23.53 7.12
CA ALA C 378 -17.16 22.99 5.82
C ALA C 378 -17.50 21.49 5.90
N PHE C 379 -16.71 20.74 6.66
CA PHE C 379 -16.98 19.31 6.77
C PHE C 379 -18.16 19.04 7.70
N ARG C 380 -18.36 19.90 8.70
CA ARG C 380 -19.48 19.77 9.62
C ARG C 380 -20.82 19.96 8.86
N ARG C 381 -20.76 20.69 7.75
CA ARG C 381 -21.90 20.95 6.87
C ARG C 381 -21.92 19.93 5.73
N ASP C 382 -20.94 19.04 5.70
CA ASP C 382 -20.81 18.04 4.65
C ASP C 382 -20.91 18.69 3.27
N LEU C 383 -20.22 19.80 3.14
CA LEU C 383 -20.20 20.57 1.89
C LEU C 383 -19.37 19.91 0.80
N ASP C 384 -19.62 20.26 -0.45
CA ASP C 384 -18.80 19.77 -1.53
C ASP C 384 -17.52 20.60 -1.27
N ILE C 385 -16.45 19.94 -0.85
CA ILE C 385 -15.23 20.64 -0.50
C ILE C 385 -14.53 21.36 -1.64
N HIS C 386 -14.65 20.84 -2.86
CA HIS C 386 -14.03 21.52 -3.98
C HIS C 386 -14.82 22.77 -4.42
N THR C 387 -16.14 22.73 -4.31
CA THR C 387 -16.98 23.88 -4.65
C THR C 387 -16.76 24.92 -3.55
N LYS C 388 -16.69 24.47 -2.30
CA LYS C 388 -16.46 25.38 -1.20
C LYS C 388 -15.07 26.08 -1.30
N THR C 389 -14.05 25.33 -1.71
CA THR C 389 -12.72 25.90 -1.87
C THR C 389 -12.74 26.92 -3.03
N ALA C 390 -13.42 26.59 -4.13
CA ALA C 390 -13.54 27.51 -5.26
C ALA C 390 -14.23 28.79 -4.78
N MET C 391 -15.36 28.64 -4.09
CA MET C 391 -16.06 29.80 -3.56
C MET C 391 -15.10 30.70 -2.77
N ASP C 392 -14.31 30.08 -1.92
CA ASP C 392 -13.38 30.85 -1.08
C ASP C 392 -12.18 31.51 -1.78
N ILE C 393 -11.46 30.76 -2.61
CA ILE C 393 -10.31 31.36 -3.25
C ILE C 393 -10.71 32.28 -4.40
N PHE C 394 -11.81 32.01 -5.07
CA PHE C 394 -12.22 32.88 -6.18
C PHE C 394 -13.22 33.94 -5.73
N GLN C 395 -13.55 33.94 -4.45
CA GLN C 395 -14.48 34.91 -3.90
C GLN C 395 -15.78 35.08 -4.67
N VAL C 396 -16.55 34.00 -4.77
CA VAL C 396 -17.83 34.04 -5.45
C VAL C 396 -18.79 33.16 -4.63
N SER C 397 -20.06 33.19 -4.99
CA SER C 397 -21.06 32.42 -4.28
C SER C 397 -21.09 31.03 -4.88
N GLU C 398 -21.81 30.11 -4.24
CA GLU C 398 -21.88 28.77 -4.75
C GLU C 398 -22.45 28.83 -6.16
N ASP C 399 -23.37 29.77 -6.35
CA ASP C 399 -24.01 29.97 -7.64
C ASP C 399 -23.07 30.35 -8.73
N GLU C 400 -22.10 31.17 -8.40
CA GLU C 400 -21.17 31.58 -9.42
C GLU C 400 -19.93 30.72 -9.60
N VAL C 401 -19.79 29.59 -8.89
CA VAL C 401 -18.60 28.81 -9.18
C VAL C 401 -18.91 27.97 -10.40
N THR C 402 -18.08 28.13 -11.42
CA THR C 402 -18.24 27.42 -12.69
C THR C 402 -17.47 26.11 -12.66
N PRO C 403 -17.74 25.24 -13.64
CA PRO C 403 -17.00 23.98 -13.65
C PRO C 403 -15.49 24.17 -13.69
N ASN C 404 -14.99 25.17 -14.42
CA ASN C 404 -13.55 25.36 -14.49
C ASN C 404 -12.98 25.83 -13.15
N MET C 405 -13.78 26.58 -12.40
CA MET C 405 -13.35 27.05 -11.11
C MET C 405 -13.25 25.87 -10.14
N ARG C 406 -14.26 25.00 -10.15
CA ARG C 406 -14.25 23.84 -9.26
C ARG C 406 -13.08 22.91 -9.59
N ARG C 407 -12.83 22.68 -10.88
CA ARG C 407 -11.73 21.82 -11.31
C ARG C 407 -10.38 22.32 -10.78
N GLN C 408 -10.21 23.63 -10.74
CA GLN C 408 -8.97 24.22 -10.25
C GLN C 408 -8.83 24.22 -8.73
N ALA C 409 -9.96 24.42 -8.03
CA ALA C 409 -9.96 24.39 -6.57
C ALA C 409 -9.70 22.93 -6.15
N LYS C 410 -10.19 22.00 -6.98
CA LYS C 410 -9.99 20.59 -6.75
C LYS C 410 -8.49 20.28 -6.90
N ALA C 411 -7.87 20.91 -7.89
CA ALA C 411 -6.45 20.74 -8.16
C ALA C 411 -5.61 21.25 -6.97
N VAL C 412 -6.05 22.34 -6.36
CA VAL C 412 -5.36 22.89 -5.21
C VAL C 412 -5.56 21.93 -4.03
N ASN C 413 -6.75 21.33 -3.91
CA ASN C 413 -7.01 20.40 -2.80
C ASN C 413 -6.18 19.09 -3.02
N PHE C 414 -6.15 18.57 -4.26
CA PHE C 414 -5.36 17.35 -4.53
C PHE C 414 -3.90 17.65 -4.17
N GLY C 415 -3.42 18.81 -4.61
CA GLY C 415 -2.06 19.20 -4.32
C GLY C 415 -1.90 19.53 -2.87
N ILE C 416 -2.81 20.36 -2.34
CA ILE C 416 -2.74 20.78 -0.95
C ILE C 416 -2.26 19.61 -0.08
N VAL C 417 -3.00 18.51 -0.17
CA VAL C 417 -2.68 17.31 0.57
C VAL C 417 -1.16 17.14 0.63
N TYR C 418 -0.57 16.68 -0.48
CA TYR C 418 0.87 16.43 -0.55
C TYR C 418 1.79 17.65 -0.48
N GLY C 419 1.73 18.35 0.66
CA GLY C 419 2.54 19.52 0.94
C GLY C 419 2.35 20.74 0.05
N ILE C 420 1.34 20.71 -0.80
CA ILE C 420 1.07 21.82 -1.71
C ILE C 420 2.33 22.38 -2.42
N SER C 421 2.86 21.65 -3.41
CA SER C 421 4.03 22.10 -4.19
C SER C 421 3.51 23.00 -5.34
N ASP C 422 3.87 24.29 -5.34
CA ASP C 422 3.39 25.23 -6.38
C ASP C 422 3.97 25.02 -7.78
N TYR C 423 5.12 24.38 -7.84
CA TYR C 423 5.78 24.11 -9.12
C TYR C 423 4.94 22.99 -9.71
N GLY C 424 4.64 21.99 -8.89
CA GLY C 424 3.83 20.86 -9.32
C GLY C 424 2.36 21.23 -9.57
N LEU C 425 1.89 22.26 -8.87
CA LEU C 425 0.51 22.73 -9.04
C LEU C 425 0.44 23.29 -10.45
N ALA C 426 1.30 24.29 -10.69
CA ALA C 426 1.41 24.98 -11.97
C ALA C 426 1.45 24.01 -13.15
N GLN C 427 2.11 22.87 -12.99
CA GLN C 427 2.18 21.93 -14.09
C GLN C 427 0.87 21.18 -14.19
N ASN C 428 0.24 20.93 -13.05
CA ASN C 428 -1.03 20.22 -13.04
C ASN C 428 -2.10 21.10 -13.63
N LEU C 429 -2.11 22.37 -13.22
CA LEU C 429 -3.11 23.32 -13.71
C LEU C 429 -2.63 23.91 -15.04
N ASN C 430 -1.46 23.49 -15.49
CA ASN C 430 -0.87 24.01 -16.71
C ASN C 430 -0.94 25.55 -16.71
N ILE C 431 -0.46 26.15 -15.63
CA ILE C 431 -0.45 27.60 -15.47
C ILE C 431 0.95 28.02 -15.04
N SER C 432 1.20 29.32 -14.95
CA SER C 432 2.53 29.73 -14.54
C SER C 432 2.68 29.54 -13.04
N ARG C 433 3.94 29.49 -12.62
CA ARG C 433 4.27 29.32 -11.22
C ARG C 433 3.73 30.50 -10.44
N LYS C 434 3.92 31.70 -10.97
CA LYS C 434 3.45 32.89 -10.29
C LYS C 434 1.95 32.86 -10.05
N GLU C 435 1.24 32.13 -10.90
CA GLU C 435 -0.22 32.01 -10.79
C GLU C 435 -0.56 30.89 -9.81
N ALA C 436 0.19 29.81 -9.90
CA ALA C 436 -0.01 28.69 -9.00
C ALA C 436 0.23 29.21 -7.60
N ALA C 437 1.32 29.96 -7.42
CA ALA C 437 1.65 30.50 -6.12
C ALA C 437 0.56 31.43 -5.65
N GLU C 438 -0.12 32.05 -6.61
CA GLU C 438 -1.21 32.98 -6.29
C GLU C 438 -2.42 32.20 -5.75
N PHE C 439 -2.64 31.01 -6.30
CA PHE C 439 -3.75 30.18 -5.85
C PHE C 439 -3.52 29.81 -4.39
N ILE C 440 -2.30 29.36 -4.11
CA ILE C 440 -1.89 28.96 -2.79
C ILE C 440 -2.08 30.05 -1.75
N GLU C 441 -1.65 31.26 -2.08
CA GLU C 441 -1.81 32.37 -1.16
C GLU C 441 -3.28 32.70 -0.87
N ARG C 442 -4.16 32.53 -1.87
CA ARG C 442 -5.56 32.81 -1.65
C ARG C 442 -6.14 31.69 -0.77
N TYR C 443 -5.59 30.49 -0.90
CA TYR C 443 -6.05 29.35 -0.08
C TYR C 443 -5.75 29.62 1.38
N PHE C 444 -4.51 30.03 1.67
CA PHE C 444 -4.10 30.30 3.04
C PHE C 444 -4.82 31.47 3.68
N GLU C 445 -5.33 32.37 2.84
CA GLU C 445 -6.07 33.51 3.33
C GLU C 445 -7.42 33.00 3.80
N SER C 446 -7.99 32.07 3.04
CA SER C 446 -9.29 31.47 3.36
C SER C 446 -9.20 30.40 4.44
N PHE C 447 -8.04 29.74 4.52
CA PHE C 447 -7.78 28.68 5.50
C PHE C 447 -6.50 28.97 6.30
N PRO C 448 -6.54 30.03 7.13
CA PRO C 448 -5.45 30.52 7.99
C PRO C 448 -4.92 29.47 8.97
N GLY C 449 -5.83 28.65 9.50
CA GLY C 449 -5.45 27.57 10.41
C GLY C 449 -4.57 26.57 9.69
N VAL C 450 -4.91 26.24 8.45
CA VAL C 450 -4.10 25.31 7.65
C VAL C 450 -2.73 25.96 7.38
N LYS C 451 -2.71 27.27 7.18
CA LYS C 451 -1.44 27.96 6.93
C LYS C 451 -0.56 27.85 8.15
N ARG C 452 -1.15 28.12 9.31
CA ARG C 452 -0.42 28.05 10.56
C ARG C 452 0.11 26.63 10.82
N TYR C 453 -0.71 25.63 10.56
CA TYR C 453 -0.27 24.25 10.77
C TYR C 453 0.93 23.93 9.88
N MET C 454 0.89 24.33 8.61
CA MET C 454 2.00 24.02 7.72
C MET C 454 3.28 24.65 8.25
N GLU C 455 3.18 25.87 8.75
CA GLU C 455 4.34 26.57 9.28
C GLU C 455 4.82 25.89 10.56
N ASN C 456 3.90 25.67 11.48
CA ASN C 456 4.21 25.04 12.76
C ASN C 456 4.77 23.63 12.63
N ILE C 457 4.28 22.87 11.65
CA ILE C 457 4.74 21.51 11.51
C ILE C 457 6.16 21.47 10.95
N VAL C 458 6.48 22.39 10.04
CA VAL C 458 7.81 22.44 9.47
C VAL C 458 8.78 22.82 10.60
N GLN C 459 8.36 23.71 11.47
CA GLN C 459 9.20 24.11 12.59
C GLN C 459 9.45 22.90 13.51
N GLU C 460 8.40 22.11 13.75
CA GLU C 460 8.49 20.93 14.61
C GLU C 460 9.41 19.87 14.07
N ALA C 461 9.29 19.62 12.76
CA ALA C 461 10.10 18.63 12.09
C ALA C 461 11.58 19.02 12.22
N LYS C 462 11.83 20.33 12.18
CA LYS C 462 13.17 20.87 12.28
C LYS C 462 13.65 20.67 13.70
N GLN C 463 12.81 21.02 14.65
CA GLN C 463 13.17 20.92 16.06
C GLN C 463 13.39 19.49 16.56
N LYS C 464 12.44 18.60 16.24
CA LYS C 464 12.50 17.20 16.68
C LYS C 464 13.30 16.27 15.78
N GLY C 465 13.25 16.52 14.48
CA GLY C 465 13.97 15.68 13.55
C GLY C 465 13.00 14.77 12.80
N TYR C 466 11.75 14.76 13.22
CA TYR C 466 10.74 13.91 12.59
C TYR C 466 9.34 14.48 12.81
N VAL C 467 8.37 13.93 12.09
CA VAL C 467 6.97 14.31 12.26
C VAL C 467 6.21 13.00 12.63
N THR C 468 5.06 13.10 13.30
CA THR C 468 4.30 11.91 13.68
C THR C 468 2.83 11.97 13.25
N THR C 469 2.16 10.82 13.30
CA THR C 469 0.75 10.76 12.93
C THR C 469 -0.16 10.63 14.17
N LEU C 470 -1.46 10.62 13.91
CA LEU C 470 -2.47 10.50 14.97
C LEU C 470 -2.14 9.38 15.94
N LEU C 471 -1.85 8.20 15.39
CA LEU C 471 -1.55 7.05 16.23
C LEU C 471 -0.04 6.84 16.52
N HIS C 472 0.74 7.92 16.34
CA HIS C 472 2.18 7.90 16.65
C HIS C 472 3.13 7.26 15.66
N ARG C 473 2.69 7.08 14.42
CA ARG C 473 3.58 6.58 13.40
C ARG C 473 4.62 7.75 13.29
N ARG C 474 5.84 7.47 12.85
CA ARG C 474 6.88 8.48 12.79
C ARG C 474 7.65 8.46 11.49
N ARG C 475 8.07 9.65 11.03
CA ARG C 475 8.88 9.79 9.83
C ARG C 475 9.98 10.82 10.10
N TYR C 476 11.24 10.38 10.01
CA TYR C 476 12.37 11.27 10.25
C TYR C 476 12.60 12.08 8.98
N LEU C 477 12.93 13.35 9.16
CA LEU C 477 13.17 14.19 7.98
C LEU C 477 14.51 14.91 8.07
N PRO C 478 15.63 14.17 7.90
CA PRO C 478 16.98 14.76 7.95
C PRO C 478 17.19 15.92 6.96
N ASP C 479 16.60 15.84 5.77
CA ASP C 479 16.73 16.88 4.75
C ASP C 479 16.06 18.23 5.04
N ILE C 480 15.26 18.30 6.09
CA ILE C 480 14.58 19.55 6.41
C ILE C 480 15.57 20.62 6.86
N THR C 481 16.84 20.24 7.03
CA THR C 481 17.89 21.20 7.44
C THR C 481 18.88 21.47 6.31
N SER C 482 18.61 20.88 5.14
CA SER C 482 19.49 21.07 4.00
C SER C 482 19.59 22.54 3.60
N ARG C 483 20.77 22.94 3.15
CA ARG C 483 20.97 24.32 2.73
C ARG C 483 20.73 24.36 1.22
N ASN C 484 20.24 23.24 0.69
CA ASN C 484 19.89 23.15 -0.71
C ASN C 484 18.38 23.40 -0.75
N PHE C 485 17.96 24.44 -1.47
CA PHE C 485 16.55 24.82 -1.56
C PHE C 485 15.56 23.70 -1.89
N ASN C 486 15.86 22.99 -2.97
CA ASN C 486 14.98 21.92 -3.41
C ASN C 486 14.90 20.79 -2.41
N VAL C 487 16.07 20.28 -2.01
CA VAL C 487 16.13 19.18 -1.05
C VAL C 487 15.40 19.56 0.22
N ARG C 488 15.67 20.74 0.75
CA ARG C 488 15.01 21.18 1.97
C ARG C 488 13.49 21.30 1.73
N SER C 489 13.12 21.83 0.56
CA SER C 489 11.71 22.02 0.21
C SER C 489 10.87 20.74 0.19
N PHE C 490 11.43 19.67 -0.37
CA PHE C 490 10.71 18.42 -0.37
C PHE C 490 10.42 17.94 1.06
N ALA C 491 11.46 17.95 1.91
CA ALA C 491 11.35 17.54 3.29
C ALA C 491 10.27 18.34 4.03
N GLU C 492 10.15 19.62 3.69
CA GLU C 492 9.15 20.47 4.32
C GLU C 492 7.76 20.06 3.88
N ARG C 493 7.64 19.60 2.65
CA ARG C 493 6.37 19.14 2.09
C ARG C 493 5.99 17.79 2.73
N MET C 494 7.00 16.97 3.05
CA MET C 494 6.82 15.66 3.71
C MET C 494 6.38 15.92 5.15
N ALA C 495 6.91 16.98 5.76
CA ALA C 495 6.55 17.34 7.12
C ALA C 495 5.07 17.70 7.22
N MET C 496 4.61 18.42 6.21
CA MET C 496 3.23 18.87 6.13
C MET C 496 2.29 17.70 5.80
N ASN C 497 2.66 16.94 4.78
CA ASN C 497 1.88 15.83 4.26
C ASN C 497 1.84 14.50 5.01
N THR C 498 2.96 14.13 5.63
CA THR C 498 2.99 12.86 6.31
C THR C 498 1.95 12.75 7.42
N PRO C 499 1.85 13.76 8.28
CA PRO C 499 0.83 13.60 9.31
C PRO C 499 -0.58 13.45 8.69
N ILE C 500 -0.76 13.91 7.44
CA ILE C 500 -2.08 13.79 6.81
C ILE C 500 -2.31 12.39 6.22
N GLN C 501 -1.46 12.00 5.26
CA GLN C 501 -1.58 10.68 4.62
C GLN C 501 -1.36 9.54 5.66
N GLY C 502 -0.43 9.79 6.60
CA GLY C 502 -0.11 8.82 7.65
C GLY C 502 -1.21 8.62 8.67
N SER C 503 -1.89 9.70 9.05
CA SER C 503 -2.98 9.58 10.00
C SER C 503 -4.18 8.92 9.32
N ALA C 504 -4.38 9.17 8.03
CA ALA C 504 -5.47 8.53 7.31
C ALA C 504 -5.15 7.01 7.21
N ALA C 505 -3.87 6.66 7.08
CA ALA C 505 -3.46 5.26 7.01
C ALA C 505 -3.76 4.59 8.36
N ASP C 506 -3.45 5.31 9.45
CA ASP C 506 -3.68 4.84 10.79
C ASP C 506 -5.18 4.54 10.97
N ILE C 507 -6.01 5.51 10.60
CA ILE C 507 -7.44 5.38 10.75
C ILE C 507 -8.05 4.16 10.05
N ILE C 508 -7.71 3.95 8.79
CA ILE C 508 -8.29 2.84 8.05
C ILE C 508 -7.76 1.47 8.58
N LYS C 509 -6.54 1.44 9.12
CA LYS C 509 -5.99 0.19 9.67
C LYS C 509 -6.77 -0.18 10.94
N LYS C 510 -7.02 0.81 11.79
CA LYS C 510 -7.78 0.55 12.99
C LYS C 510 -9.21 0.14 12.62
N ALA C 511 -9.77 0.73 11.57
CA ALA C 511 -11.13 0.38 11.12
C ALA C 511 -11.19 -1.11 10.73
N MET C 512 -10.16 -1.57 10.02
CA MET C 512 -10.09 -2.96 9.59
C MET C 512 -10.14 -3.90 10.81
N ILE C 513 -9.38 -3.55 11.85
CA ILE C 513 -9.36 -4.32 13.09
C ILE C 513 -10.74 -4.29 13.76
N ASP C 514 -11.30 -3.08 13.87
CA ASP C 514 -12.61 -2.94 14.49
C ASP C 514 -13.66 -3.70 13.69
N LEU C 515 -13.57 -3.65 12.37
CA LEU C 515 -14.53 -4.33 11.52
C LEU C 515 -14.50 -5.84 11.69
N ASN C 516 -13.31 -6.42 11.69
CA ASN C 516 -13.20 -7.86 11.86
C ASN C 516 -13.71 -8.28 13.23
N ALA C 517 -13.57 -7.43 14.22
CA ALA C 517 -14.07 -7.80 15.52
C ALA C 517 -15.60 -7.82 15.47
N ARG C 518 -16.21 -6.88 14.74
CA ARG C 518 -17.67 -6.83 14.63
C ARG C 518 -18.25 -7.99 13.80
N LEU C 519 -17.57 -8.31 12.69
CA LEU C 519 -17.97 -9.37 11.78
C LEU C 519 -18.01 -10.70 12.55
N LYS C 520 -17.03 -10.89 13.44
CA LYS C 520 -16.92 -12.10 14.27
C LYS C 520 -18.02 -12.16 15.34
N GLU C 521 -18.23 -11.06 16.06
CA GLU C 521 -19.26 -11.00 17.08
C GLU C 521 -20.61 -11.33 16.44
N GLU C 522 -20.80 -10.87 15.21
CA GLU C 522 -22.04 -11.07 14.47
C GLU C 522 -22.10 -12.42 13.74
N ARG C 523 -20.98 -13.14 13.74
CA ARG C 523 -20.88 -14.41 13.04
C ARG C 523 -21.32 -14.24 11.60
N LEU C 524 -20.98 -13.11 11.02
CA LEU C 524 -21.32 -12.87 9.62
C LEU C 524 -20.30 -13.64 8.79
N GLN C 525 -20.72 -14.13 7.62
CA GLN C 525 -19.82 -14.84 6.72
C GLN C 525 -18.99 -13.85 5.87
N ALA C 526 -19.35 -12.57 5.94
CA ALA C 526 -18.69 -11.50 5.20
C ALA C 526 -17.24 -11.36 5.66
N HIS C 527 -16.35 -11.11 4.70
CA HIS C 527 -14.95 -10.91 5.04
C HIS C 527 -14.26 -9.96 4.10
N LEU C 528 -13.20 -9.32 4.62
CA LEU C 528 -12.35 -8.41 3.84
C LEU C 528 -11.61 -9.15 2.73
N LEU C 529 -11.51 -8.51 1.58
CA LEU C 529 -10.78 -9.04 0.43
C LEU C 529 -9.59 -8.11 0.15
N LEU C 530 -9.88 -6.80 0.14
CA LEU C 530 -8.85 -5.80 -0.17
C LEU C 530 -8.97 -4.50 0.57
N GLN C 531 -7.86 -3.76 0.60
CA GLN C 531 -7.85 -2.42 1.18
C GLN C 531 -7.13 -1.57 0.12
N VAL C 532 -7.73 -0.47 -0.33
CA VAL C 532 -6.95 0.35 -1.25
C VAL C 532 -6.89 1.82 -0.78
N HIS C 533 -6.05 1.95 0.26
CA HIS C 533 -5.71 3.20 0.94
C HIS C 533 -6.81 3.90 1.71
N ASP C 534 -7.93 4.18 1.06
CA ASP C 534 -9.04 4.84 1.77
C ASP C 534 -10.36 4.10 1.58
N GLU C 535 -10.28 2.89 1.05
CA GLU C 535 -11.48 2.08 0.84
C GLU C 535 -11.24 0.63 1.25
N LEU C 536 -12.32 -0.04 1.64
CA LEU C 536 -12.30 -1.44 2.05
C LEU C 536 -13.24 -2.22 1.13
N ILE C 537 -12.77 -3.34 0.59
CA ILE C 537 -13.59 -4.14 -0.29
C ILE C 537 -13.81 -5.52 0.32
N LEU C 538 -15.08 -5.92 0.42
CA LEU C 538 -15.39 -7.23 0.97
C LEU C 538 -16.31 -8.00 0.04
N GLU C 539 -16.59 -9.24 0.42
CA GLU C 539 -17.53 -10.08 -0.33
C GLU C 539 -18.39 -10.78 0.74
N ALA C 540 -19.64 -11.06 0.41
CA ALA C 540 -20.49 -11.72 1.39
C ALA C 540 -21.75 -12.23 0.74
N PRO C 541 -22.47 -13.14 1.43
CA PRO C 541 -23.71 -13.71 0.93
C PRO C 541 -24.63 -12.53 0.62
N LYS C 542 -25.44 -12.62 -0.43
CA LYS C 542 -26.35 -11.51 -0.74
C LYS C 542 -27.26 -11.23 0.47
N GLU C 543 -27.50 -12.26 1.30
CA GLU C 543 -28.35 -12.11 2.47
C GLU C 543 -27.77 -11.28 3.60
N GLU C 544 -26.49 -10.92 3.49
CA GLU C 544 -25.86 -10.12 4.54
C GLU C 544 -25.70 -8.64 4.12
N MET C 545 -26.06 -8.30 2.89
CA MET C 545 -25.92 -6.92 2.41
C MET C 545 -26.56 -5.86 3.31
N GLU C 546 -27.83 -6.04 3.65
CA GLU C 546 -28.49 -5.05 4.49
C GLU C 546 -27.76 -4.82 5.80
N ARG C 547 -27.27 -5.89 6.44
CA ARG C 547 -26.58 -5.72 7.71
C ARG C 547 -25.26 -5.00 7.46
N LEU C 548 -24.62 -5.32 6.35
CA LEU C 548 -23.34 -4.70 5.99
C LEU C 548 -23.49 -3.21 5.69
N CYS C 549 -24.59 -2.86 5.00
CA CYS C 549 -24.87 -1.47 4.65
C CYS C 549 -24.87 -0.64 5.89
N ARG C 550 -25.31 -1.23 6.99
CA ARG C 550 -25.36 -0.54 8.27
C ARG C 550 -24.08 -0.71 9.08
N LEU C 551 -23.53 -1.92 9.11
CA LEU C 551 -22.33 -2.17 9.91
C LEU C 551 -21.01 -1.58 9.39
N VAL C 552 -20.70 -1.81 8.13
CA VAL C 552 -19.43 -1.37 7.61
C VAL C 552 -19.15 0.15 7.73
N PRO C 553 -20.02 1.03 7.18
CA PRO C 553 -19.79 2.49 7.28
C PRO C 553 -19.63 2.97 8.71
N GLU C 554 -20.49 2.47 9.59
CA GLU C 554 -20.46 2.86 10.98
C GLU C 554 -19.13 2.53 11.66
N VAL C 555 -18.63 1.32 11.44
CA VAL C 555 -17.37 0.93 12.07
C VAL C 555 -16.24 1.80 11.51
N MET C 556 -16.24 2.01 10.19
CA MET C 556 -15.22 2.84 9.56
C MET C 556 -15.29 4.30 10.05
N GLU C 557 -16.50 4.85 10.15
CA GLU C 557 -16.69 6.22 10.60
C GLU C 557 -16.32 6.42 12.06
N GLN C 558 -16.55 5.39 12.87
CA GLN C 558 -16.27 5.49 14.29
C GLN C 558 -14.90 5.04 14.73
N ALA C 559 -14.07 4.56 13.82
CA ALA C 559 -12.73 4.06 14.16
C ALA C 559 -11.91 5.01 15.05
N VAL C 560 -12.02 6.30 14.80
CA VAL C 560 -11.34 7.32 15.59
C VAL C 560 -12.30 8.50 15.73
N THR C 561 -12.16 9.29 16.78
CA THR C 561 -13.02 10.47 16.96
C THR C 561 -12.25 11.77 16.65
N LEU C 562 -12.62 12.43 15.55
CA LEU C 562 -11.98 13.69 15.12
C LEU C 562 -12.89 14.91 15.38
N ARG C 563 -12.33 16.11 15.26
CA ARG C 563 -13.05 17.36 15.45
C ARG C 563 -14.14 17.55 14.40
N VAL C 564 -14.08 16.75 13.34
CA VAL C 564 -15.08 16.80 12.29
C VAL C 564 -15.55 15.37 12.10
N PRO C 565 -16.73 15.18 11.50
CA PRO C 565 -17.21 13.81 11.28
C PRO C 565 -16.42 13.09 10.19
N LEU C 566 -16.46 11.76 10.21
CA LEU C 566 -15.84 10.96 9.17
C LEU C 566 -17.08 10.45 8.41
N LYS C 567 -16.99 10.36 7.09
CA LYS C 567 -18.12 9.93 6.29
C LYS C 567 -17.66 8.84 5.33
N VAL C 568 -18.42 7.75 5.27
CA VAL C 568 -18.06 6.64 4.42
C VAL C 568 -19.18 6.34 3.45
N ASP C 569 -18.87 6.22 2.17
CA ASP C 569 -19.89 5.88 1.18
C ASP C 569 -19.71 4.40 0.89
N TYR C 570 -20.74 3.75 0.37
CA TYR C 570 -20.64 2.32 0.10
C TYR C 570 -21.57 1.89 -1.02
N HIS C 571 -21.19 0.82 -1.70
CA HIS C 571 -21.98 0.27 -2.79
C HIS C 571 -21.72 -1.22 -2.83
N TYR C 572 -22.56 -1.95 -3.55
CA TYR C 572 -22.34 -3.38 -3.67
C TYR C 572 -22.96 -3.87 -4.98
N GLY C 573 -22.44 -4.98 -5.47
CA GLY C 573 -22.91 -5.48 -6.74
C GLY C 573 -22.39 -6.86 -6.98
N SER C 574 -22.65 -7.37 -8.17
CA SER C 574 -22.25 -8.72 -8.53
C SER C 574 -20.81 -8.90 -9.01
N THR C 575 -20.12 -7.78 -9.28
CA THR C 575 -18.72 -7.75 -9.68
C THR C 575 -18.16 -6.50 -9.03
N TRP C 576 -16.84 -6.35 -9.02
CA TRP C 576 -16.25 -5.17 -8.41
C TRP C 576 -16.74 -3.94 -9.19
N TYR C 577 -16.84 -4.10 -10.51
CA TYR C 577 -17.31 -3.04 -11.38
C TYR C 577 -18.68 -2.51 -10.97
N ASP C 578 -19.56 -3.39 -10.51
CA ASP C 578 -20.90 -2.99 -10.13
C ASP C 578 -21.05 -2.46 -8.71
N ALA C 579 -20.03 -2.67 -7.87
CA ALA C 579 -20.05 -2.20 -6.50
C ALA C 579 -19.81 -0.70 -6.56
N LYS C 580 -20.61 -0.02 -7.38
CA LYS C 580 -20.50 1.42 -7.58
C LYS C 580 -21.85 2.13 -7.54
#